data_3HFJ
#
_entry.id   3HFJ
#
_cell.length_a   88.968
_cell.length_b   97.679
_cell.length_c   44.923
_cell.angle_alpha   90.00
_cell.angle_beta   90.00
_cell.angle_gamma   90.00
#
_symmetry.space_group_name_H-M   'P 21 21 2'
#
loop_
_entity.id
_entity.type
_entity.pdbx_description
1 polymer 'Nicotinate (Nicotinamide) nucleotide adenylyltransferase'
2 non-polymer 3-amino-N-(3-fluorophenyl)-6-thiophen-2-ylthieno[2,3-b]pyridine-2-carboxamide
3 non-polymer 'CALCIUM ION'
4 water water
#
_entity_poly.entity_id   1
_entity_poly.type   'polypeptide(L)'
_entity_poly.pdbx_seq_one_letter_code
;GAMRKIGIIGGTFDPPHYGHLLIANEVYHALNLEEVWFLPNQIPPHKQGRNITSVESRLQMLELATEAEEHFSICLEELS
RKGPSYTYDTMLQLTKKYPDVQFHFIIGGDMVEYLPKWYNIEALLDLVTFVGVARPGYKLRTPYPITTVEIPEFAVSSSL
LRERYKEKKTCKYLLPEKVQVYIERNGLYES
;
_entity_poly.pdbx_strand_id   A,B
#
# COMPACT_ATOMS: atom_id res chain seq x y z
N MET A 3 -21.33 -9.12 19.60
CA MET A 3 -19.87 -9.39 19.42
C MET A 3 -19.02 -8.16 19.75
N ARG A 4 -17.93 -8.41 20.48
CA ARG A 4 -16.96 -7.37 20.84
C ARG A 4 -16.31 -6.79 19.60
N LYS A 5 -16.28 -5.47 19.50
CA LYS A 5 -15.67 -4.81 18.34
C LYS A 5 -14.19 -4.52 18.64
N ILE A 6 -13.31 -5.19 17.90
CA ILE A 6 -11.86 -5.10 18.11
C ILE A 6 -11.19 -4.68 16.79
N GLY A 7 -10.38 -3.63 16.86
CA GLY A 7 -9.59 -3.19 15.72
C GLY A 7 -8.29 -3.99 15.63
N ILE A 8 -7.82 -4.16 14.40
CA ILE A 8 -6.54 -4.79 14.11
C ILE A 8 -5.74 -3.80 13.27
N ILE A 9 -4.56 -3.42 13.77
CA ILE A 9 -3.60 -2.65 12.97
C ILE A 9 -2.29 -3.46 12.83
N GLY A 10 -2.03 -3.90 11.60
CA GLY A 10 -0.87 -4.73 11.33
C GLY A 10 0.22 -3.97 10.62
N GLY A 11 1.42 -4.54 10.57
CA GLY A 11 2.58 -3.86 10.00
C GLY A 11 3.85 -4.34 10.69
N THR A 12 5.00 -3.86 10.24
CA THR A 12 6.25 -4.29 10.85
C THR A 12 6.58 -3.43 12.04
N PHE A 13 6.01 -2.22 12.12
CA PHE A 13 6.26 -1.28 13.25
C PHE A 13 7.76 -1.13 13.50
N ASP A 14 8.43 -0.54 12.52
CA ASP A 14 9.88 -0.70 12.39
C ASP A 14 10.55 0.65 12.09
N PRO A 15 10.46 1.63 13.01
CA PRO A 15 9.84 1.65 14.35
C PRO A 15 8.36 2.06 14.40
N PRO A 16 7.68 1.74 15.52
CA PRO A 16 6.34 2.29 15.76
C PRO A 16 6.47 3.80 16.06
N HIS A 17 5.48 4.59 15.66
CA HIS A 17 5.53 6.04 15.89
C HIS A 17 4.15 6.65 16.11
N TYR A 18 4.11 7.96 16.33
CA TYR A 18 2.85 8.68 16.51
C TYR A 18 1.81 8.49 15.40
N GLY A 19 2.26 8.32 14.17
CA GLY A 19 1.37 8.07 13.03
C GLY A 19 0.52 6.83 13.25
N HIS A 20 1.16 5.74 13.69
CA HIS A 20 0.45 4.50 14.00
C HIS A 20 -0.56 4.69 15.14
N LEU A 21 -0.13 5.37 16.20
CA LEU A 21 -0.95 5.56 17.39
C LEU A 21 -2.14 6.46 17.10
N LEU A 22 -1.90 7.49 16.27
CA LEU A 22 -2.95 8.38 15.77
C LEU A 22 -3.99 7.63 14.95
N ILE A 23 -3.54 6.74 14.07
CA ILE A 23 -4.47 5.96 13.26
C ILE A 23 -5.30 5.03 14.14
N ALA A 24 -4.64 4.27 15.01
CA ALA A 24 -5.33 3.35 15.91
C ALA A 24 -6.36 4.08 16.78
N ASN A 25 -5.93 5.18 17.39
CA ASN A 25 -6.78 6.02 18.24
C ASN A 25 -8.02 6.57 17.52
N GLU A 26 -7.81 7.14 16.33
CA GLU A 26 -8.91 7.66 15.49
C GLU A 26 -9.98 6.61 15.13
N VAL A 27 -9.51 5.41 14.78
CA VAL A 27 -10.41 4.31 14.41
C VAL A 27 -11.14 3.84 15.66
N TYR A 28 -10.38 3.74 16.76
CA TYR A 28 -10.91 3.43 18.08
C TYR A 28 -12.08 4.34 18.47
N HIS A 29 -11.89 5.66 18.35
CA HIS A 29 -12.96 6.62 18.64
C HIS A 29 -14.06 6.66 17.60
N ALA A 30 -13.72 6.65 16.31
CA ALA A 30 -14.71 6.75 15.23
C ALA A 30 -15.74 5.62 15.28
N LEU A 31 -15.29 4.42 15.58
CA LEU A 31 -16.11 3.23 15.47
C LEU A 31 -16.54 2.68 16.82
N ASN A 32 -16.21 3.39 17.90
CA ASN A 32 -16.47 2.91 19.26
C ASN A 32 -16.02 1.45 19.45
N LEU A 33 -14.75 1.19 19.14
CA LEU A 33 -14.17 -0.13 19.37
C LEU A 33 -13.90 -0.31 20.88
N GLU A 34 -13.93 -1.56 21.34
CA GLU A 34 -13.51 -1.92 22.70
C GLU A 34 -11.99 -1.76 22.86
N GLU A 35 -11.24 -2.23 21.86
CA GLU A 35 -9.78 -2.25 21.89
C GLU A 35 -9.22 -2.21 20.48
N VAL A 36 -7.95 -1.81 20.36
CA VAL A 36 -7.22 -1.98 19.12
C VAL A 36 -6.01 -2.87 19.41
N TRP A 37 -5.86 -3.94 18.64
CA TRP A 37 -4.70 -4.81 18.79
C TRP A 37 -3.71 -4.50 17.68
N PHE A 38 -2.49 -4.16 18.09
CA PHE A 38 -1.40 -4.01 17.14
C PHE A 38 -0.89 -5.40 16.83
N LEU A 39 -0.69 -5.66 15.55
CA LEU A 39 -0.37 -7.00 15.05
C LEU A 39 0.96 -6.96 14.28
N PRO A 40 2.10 -7.04 15.00
CA PRO A 40 3.43 -7.02 14.35
C PRO A 40 3.66 -8.21 13.41
N ASN A 41 4.13 -7.91 12.21
CA ASN A 41 4.37 -8.93 11.21
C ASN A 41 5.73 -9.57 11.43
N GLN A 42 5.88 -10.80 10.95
CA GLN A 42 7.22 -11.40 10.81
C GLN A 42 7.90 -10.86 9.57
N ILE A 43 9.22 -10.77 9.65
CA ILE A 43 10.08 -10.33 8.56
C ILE A 43 11.00 -11.51 8.22
N PRO A 44 11.05 -11.92 6.93
CA PRO A 44 11.99 -12.98 6.54
C PRO A 44 13.44 -12.52 6.62
N PRO A 45 14.39 -13.46 6.80
CA PRO A 45 15.78 -13.06 6.91
C PRO A 45 16.28 -12.30 5.66
N HIS A 46 17.19 -11.37 5.88
CA HIS A 46 17.75 -10.56 4.79
C HIS A 46 18.46 -11.46 3.79
N LYS A 47 18.10 -11.31 2.51
CA LYS A 47 18.64 -12.14 1.43
C LYS A 47 20.13 -11.96 1.21
N GLN A 48 20.65 -10.78 1.56
CA GLN A 48 22.06 -10.46 1.35
C GLN A 48 22.83 -10.32 2.65
N GLY A 49 22.36 -11.05 3.67
CA GLY A 49 22.96 -11.06 4.99
C GLY A 49 22.95 -9.77 5.81
N ARG A 50 22.25 -8.74 5.36
CA ARG A 50 22.27 -7.46 6.05
C ARG A 50 21.28 -7.43 7.23
N ASN A 51 21.05 -6.24 7.81
CA ASN A 51 20.23 -6.16 9.01
C ASN A 51 18.73 -6.19 8.77
N ILE A 52 18.03 -6.93 9.61
CA ILE A 52 16.63 -6.65 9.89
C ILE A 52 16.54 -6.36 11.39
N THR A 53 15.54 -5.59 11.79
CA THR A 53 15.31 -5.33 13.20
C THR A 53 14.70 -6.60 13.77
N SER A 54 15.29 -7.10 14.86
CA SER A 54 14.85 -8.35 15.48
C SER A 54 13.39 -8.33 15.95
N VAL A 55 12.82 -9.53 16.10
CA VAL A 55 11.52 -9.71 16.75
C VAL A 55 11.54 -9.12 18.15
N GLU A 56 12.60 -9.39 18.91
CA GLU A 56 12.75 -8.84 20.27
C GLU A 56 12.65 -7.31 20.29
N SER A 57 13.40 -6.66 19.39
CA SER A 57 13.43 -5.21 19.34
C SER A 57 12.06 -4.65 18.96
N ARG A 58 11.47 -5.19 17.90
CA ARG A 58 10.19 -4.67 17.43
C ARG A 58 9.09 -4.84 18.47
N LEU A 59 9.09 -5.99 19.16
CA LEU A 59 8.09 -6.21 20.20
C LEU A 59 8.24 -5.24 21.36
N GLN A 60 9.48 -4.99 21.80
CA GLN A 60 9.71 -4.10 22.95
C GLN A 60 9.42 -2.63 22.61
N MET A 61 9.74 -2.20 21.38
CA MET A 61 9.34 -0.85 20.95
C MET A 61 7.82 -0.76 20.98
N LEU A 62 7.13 -1.79 20.50
CA LEU A 62 5.68 -1.82 20.49
C LEU A 62 5.09 -1.77 21.90
N GLU A 63 5.68 -2.53 22.83
CA GLU A 63 5.27 -2.44 24.24
C GLU A 63 5.40 -1.01 24.78
N LEU A 64 6.55 -0.41 24.53
CA LEU A 64 6.81 0.94 25.01
C LEU A 64 5.86 1.97 24.40
N ALA A 65 5.58 1.80 23.11
CA ALA A 65 4.67 2.68 22.38
C ALA A 65 3.23 2.60 22.89
N THR A 66 2.83 1.43 23.38
CA THR A 66 1.42 1.19 23.68
C THR A 66 1.11 1.01 25.17
N GLU A 67 2.15 1.06 26.01
CA GLU A 67 2.04 0.72 27.43
C GLU A 67 1.06 1.59 28.21
N ALA A 68 1.02 2.87 27.85
CA ALA A 68 0.20 3.84 28.56
C ALA A 68 -1.30 3.67 28.26
N GLU A 69 -1.63 3.00 27.16
CA GLU A 69 -3.04 2.91 26.73
C GLU A 69 -3.70 1.57 27.02
N GLU A 70 -4.65 1.57 27.98
CA GLU A 70 -5.49 0.40 28.33
C GLU A 70 -6.10 -0.26 27.10
N HIS A 71 -6.55 0.57 26.17
CA HIS A 71 -7.33 0.12 25.02
C HIS A 71 -6.45 -0.28 23.82
N PHE A 72 -5.14 -0.26 24.00
CA PHE A 72 -4.20 -0.77 22.99
C PHE A 72 -3.52 -2.03 23.53
N SER A 73 -3.55 -3.09 22.74
CA SER A 73 -2.88 -4.34 23.11
C SER A 73 -2.01 -4.82 21.96
N ILE A 74 -1.19 -5.82 22.23
CA ILE A 74 -0.37 -6.42 21.19
C ILE A 74 -0.82 -7.86 20.97
N CYS A 75 -1.11 -8.19 19.72
CA CYS A 75 -1.45 -9.55 19.31
C CYS A 75 -0.23 -10.22 18.68
N LEU A 76 0.17 -11.35 19.25
CA LEU A 76 1.42 -12.04 18.85
C LEU A 76 1.22 -13.13 17.81
N GLU A 77 0.00 -13.25 17.29
CA GLU A 77 -0.31 -14.34 16.34
C GLU A 77 0.70 -14.49 15.20
N GLU A 78 1.09 -13.37 14.57
CA GLU A 78 2.05 -13.43 13.47
C GLU A 78 3.49 -13.52 13.98
N LEU A 79 3.80 -12.70 14.99
CA LEU A 79 5.18 -12.51 15.42
C LEU A 79 5.78 -13.78 16.02
N SER A 80 4.92 -14.59 16.64
CA SER A 80 5.35 -15.83 17.27
C SER A 80 5.65 -16.93 16.25
N ARG A 81 5.25 -16.73 15.00
CA ARG A 81 5.48 -17.70 13.91
C ARG A 81 6.89 -17.56 13.35
N LYS A 82 7.34 -18.56 12.60
CA LYS A 82 8.70 -18.59 12.08
C LYS A 82 8.86 -17.72 10.84
N GLY A 83 7.85 -17.73 9.96
CA GLY A 83 7.86 -16.91 8.76
C GLY A 83 6.66 -15.99 8.67
N PRO A 84 6.61 -15.16 7.60
CA PRO A 84 5.47 -14.29 7.32
C PRO A 84 4.17 -15.06 7.11
N SER A 85 3.06 -14.44 7.51
CA SER A 85 1.73 -14.99 7.29
C SER A 85 0.89 -14.13 6.36
N TYR A 86 0.12 -14.78 5.48
CA TYR A 86 -0.98 -14.09 4.81
C TYR A 86 -2.02 -13.69 5.85
N THR A 87 -2.55 -12.50 5.69
CA THR A 87 -3.63 -11.97 6.52
C THR A 87 -4.83 -12.93 6.66
N TYR A 88 -5.22 -13.61 5.58
CA TYR A 88 -6.31 -14.60 5.66
C TYR A 88 -6.04 -15.69 6.74
N ASP A 89 -4.81 -16.24 6.75
CA ASP A 89 -4.44 -17.31 7.68
C ASP A 89 -4.38 -16.82 9.14
N THR A 90 -3.85 -15.63 9.35
CA THR A 90 -3.88 -14.99 10.66
C THR A 90 -5.31 -14.80 11.19
N MET A 91 -6.17 -14.20 10.37
CA MET A 91 -7.54 -13.87 10.79
C MET A 91 -8.44 -15.10 10.99
N LEU A 92 -8.16 -16.16 10.23
CA LEU A 92 -8.80 -17.45 10.47
C LEU A 92 -8.44 -17.97 11.87
N GLN A 93 -7.16 -17.95 12.22
CA GLN A 93 -6.74 -18.35 13.57
C GLN A 93 -7.31 -17.47 14.67
N LEU A 94 -7.30 -16.15 14.46
CA LEU A 94 -7.86 -15.22 15.46
C LEU A 94 -9.38 -15.40 15.66
N THR A 95 -10.10 -15.60 14.56
CA THR A 95 -11.54 -15.91 14.56
C THR A 95 -11.82 -17.19 15.36
N LYS A 96 -11.02 -18.22 15.12
CA LYS A 96 -11.06 -19.48 15.85
C LYS A 96 -10.82 -19.29 17.36
N LYS A 97 -9.77 -18.54 17.69
CA LYS A 97 -9.36 -18.31 19.07
C LYS A 97 -10.28 -17.36 19.85
N TYR A 98 -10.92 -16.44 19.13
CA TYR A 98 -11.81 -15.43 19.74
C TYR A 98 -13.15 -15.39 19.03
N PRO A 99 -13.99 -16.43 19.22
CA PRO A 99 -15.25 -16.54 18.47
C PRO A 99 -16.30 -15.47 18.76
N ASP A 100 -16.12 -14.65 19.80
CA ASP A 100 -17.05 -13.55 20.05
C ASP A 100 -16.56 -12.16 19.63
N VAL A 101 -15.54 -12.13 18.80
CA VAL A 101 -14.97 -10.86 18.38
C VAL A 101 -15.28 -10.55 16.91
N GLN A 102 -15.71 -9.33 16.67
CA GLN A 102 -15.85 -8.83 15.31
C GLN A 102 -14.61 -7.98 15.00
N PHE A 103 -13.78 -8.46 14.08
CA PHE A 103 -12.51 -7.81 13.79
C PHE A 103 -12.64 -6.72 12.75
N HIS A 104 -12.06 -5.57 13.07
CA HIS A 104 -12.04 -4.45 12.15
C HIS A 104 -10.61 -4.20 11.72
N PHE A 105 -10.32 -4.57 10.47
CA PHE A 105 -8.95 -4.62 9.98
C PHE A 105 -8.57 -3.33 9.25
N ILE A 106 -7.68 -2.59 9.89
CA ILE A 106 -7.37 -1.22 9.47
C ILE A 106 -6.35 -1.26 8.36
N ILE A 107 -6.67 -0.61 7.24
CA ILE A 107 -5.71 -0.48 6.14
C ILE A 107 -5.62 0.96 5.61
N GLY A 108 -4.46 1.32 5.06
CA GLY A 108 -4.29 2.65 4.46
C GLY A 108 -5.14 2.80 3.22
N GLY A 109 -5.59 4.03 2.97
CA GLY A 109 -6.41 4.36 1.81
C GLY A 109 -5.82 3.86 0.50
N ASP A 110 -4.50 4.05 0.32
CA ASP A 110 -3.77 3.61 -0.87
C ASP A 110 -3.83 2.09 -1.08
N MET A 111 -4.01 1.35 0.01
CA MET A 111 -4.07 -0.11 -0.06
C MET A 111 -5.39 -0.62 -0.66
N VAL A 112 -6.44 0.19 -0.55
CA VAL A 112 -7.81 -0.28 -0.88
C VAL A 112 -7.92 -0.72 -2.34
N GLU A 113 -7.32 0.06 -3.23
CA GLU A 113 -7.32 -0.24 -4.66
C GLU A 113 -6.76 -1.63 -5.00
N TYR A 114 -5.91 -2.19 -4.13
CA TYR A 114 -5.25 -3.46 -4.41
C TYR A 114 -5.80 -4.68 -3.64
N LEU A 115 -6.87 -4.46 -2.86
CA LEU A 115 -7.56 -5.55 -2.15
C LEU A 115 -7.90 -6.79 -2.99
N PRO A 116 -8.35 -6.63 -4.25
CA PRO A 116 -8.58 -7.81 -5.11
C PRO A 116 -7.37 -8.72 -5.37
N LYS A 117 -6.15 -8.27 -5.06
CA LYS A 117 -4.95 -9.09 -5.22
C LYS A 117 -4.51 -9.79 -3.94
N TRP A 118 -5.19 -9.51 -2.83
CA TRP A 118 -4.82 -10.15 -1.57
C TRP A 118 -5.17 -11.62 -1.67
N TYR A 119 -4.29 -12.44 -1.15
CA TYR A 119 -4.50 -13.87 -1.09
C TYR A 119 -5.81 -14.18 -0.36
N ASN A 120 -6.67 -14.92 -1.06
CA ASN A 120 -7.94 -15.40 -0.50
C ASN A 120 -8.86 -14.27 -0.03
N ILE A 121 -8.92 -13.18 -0.81
CA ILE A 121 -9.65 -11.98 -0.39
C ILE A 121 -11.14 -12.24 -0.09
N GLU A 122 -11.78 -13.05 -0.93
CA GLU A 122 -13.20 -13.35 -0.74
C GLU A 122 -13.46 -14.00 0.60
N ALA A 123 -12.64 -15.00 0.95
CA ALA A 123 -12.75 -15.70 2.23
C ALA A 123 -12.41 -14.78 3.39
N LEU A 124 -11.44 -13.89 3.18
CA LEU A 124 -11.04 -12.93 4.21
C LEU A 124 -12.16 -11.91 4.49
N LEU A 125 -12.85 -11.46 3.43
CA LEU A 125 -14.00 -10.58 3.60
C LEU A 125 -15.05 -11.18 4.54
N ASP A 126 -15.13 -12.52 4.59
CA ASP A 126 -16.07 -13.19 5.49
C ASP A 126 -15.53 -13.30 6.93
N LEU A 127 -14.27 -12.94 7.15
CA LEU A 127 -13.66 -12.98 8.49
C LEU A 127 -13.51 -11.61 9.16
N VAL A 128 -13.41 -10.55 8.35
CA VAL A 128 -13.14 -9.21 8.88
C VAL A 128 -14.00 -8.17 8.19
N THR A 129 -14.18 -7.04 8.88
CA THR A 129 -14.66 -5.83 8.26
C THR A 129 -13.42 -4.96 8.05
N PHE A 130 -13.11 -4.63 6.80
CA PHE A 130 -12.00 -3.73 6.52
C PHE A 130 -12.38 -2.31 6.86
N VAL A 131 -11.43 -1.61 7.48
CA VAL A 131 -11.57 -0.20 7.77
C VAL A 131 -10.50 0.51 6.96
N GLY A 132 -10.92 1.24 5.94
CA GLY A 132 -10.00 2.02 5.16
C GLY A 132 -9.87 3.42 5.71
N VAL A 133 -8.66 3.95 5.69
CA VAL A 133 -8.40 5.29 6.22
C VAL A 133 -8.35 6.28 5.05
N ALA A 134 -9.25 7.26 5.08
CA ALA A 134 -9.28 8.30 4.06
C ALA A 134 -8.95 9.65 4.68
N ARG A 135 -8.34 10.54 3.89
CA ARG A 135 -8.19 11.93 4.28
C ARG A 135 -9.60 12.53 4.40
N PRO A 136 -9.80 13.47 5.33
CA PRO A 136 -11.17 13.99 5.53
C PRO A 136 -11.73 14.60 4.26
N GLY A 137 -12.98 14.24 3.94
CA GLY A 137 -13.64 14.71 2.72
C GLY A 137 -13.39 13.87 1.47
N TYR A 138 -12.48 12.90 1.56
CA TYR A 138 -12.13 12.02 0.44
C TYR A 138 -12.82 10.66 0.60
N LYS A 139 -13.12 9.99 -0.51
CA LYS A 139 -13.77 8.69 -0.41
C LYS A 139 -12.99 7.60 -1.14
N LEU A 140 -13.19 6.38 -0.66
CA LEU A 140 -12.49 5.22 -1.17
C LEU A 140 -13.40 4.52 -2.17
N ARG A 141 -12.80 4.05 -3.25
CA ARG A 141 -13.53 3.39 -4.31
C ARG A 141 -13.11 1.93 -4.36
N THR A 142 -14.07 1.05 -4.10
CA THR A 142 -13.83 -0.40 -4.10
C THR A 142 -15.15 -1.13 -4.29
N PRO A 143 -15.13 -2.26 -5.02
CA PRO A 143 -16.30 -3.16 -5.10
C PRO A 143 -16.67 -3.86 -3.79
N TYR A 144 -15.75 -3.84 -2.82
CA TYR A 144 -15.97 -4.52 -1.55
C TYR A 144 -16.65 -3.61 -0.52
N PRO A 145 -17.47 -4.19 0.38
CA PRO A 145 -18.05 -3.38 1.44
C PRO A 145 -16.95 -3.06 2.44
N ILE A 146 -16.60 -1.79 2.58
CA ILE A 146 -15.61 -1.41 3.59
C ILE A 146 -16.16 -0.25 4.40
N THR A 147 -15.63 -0.11 5.61
CA THR A 147 -15.91 1.04 6.45
C THR A 147 -14.81 2.07 6.22
N THR A 148 -15.19 3.33 6.19
CA THR A 148 -14.26 4.41 5.99
C THR A 148 -14.13 5.20 7.28
N VAL A 149 -12.90 5.46 7.73
CA VAL A 149 -12.67 6.40 8.83
C VAL A 149 -11.81 7.53 8.26
N GLU A 150 -12.21 8.77 8.53
CA GLU A 150 -11.44 9.95 8.12
C GLU A 150 -10.36 10.27 9.14
N ILE A 151 -9.14 10.40 8.64
CA ILE A 151 -7.98 10.75 9.45
C ILE A 151 -7.11 11.68 8.61
N PRO A 152 -6.67 12.79 9.21
CA PRO A 152 -5.69 13.63 8.50
C PRO A 152 -4.43 12.85 8.17
N GLU A 153 -3.81 13.17 7.04
CA GLU A 153 -2.53 12.62 6.67
C GLU A 153 -1.40 13.36 7.39
N PHE A 154 -0.84 12.70 8.41
CA PHE A 154 0.14 13.31 9.31
C PHE A 154 1.60 13.17 8.83
N ALA A 155 1.81 12.33 7.82
CA ALA A 155 3.08 12.29 7.08
C ALA A 155 4.30 11.72 7.81
N VAL A 156 4.24 11.62 9.13
CA VAL A 156 5.32 10.90 9.85
C VAL A 156 5.33 9.43 9.40
N SER A 157 6.51 8.93 9.04
CA SER A 157 6.62 7.55 8.56
C SER A 157 7.86 6.87 9.12
N SER A 158 7.82 5.55 9.22
CA SER A 158 8.97 4.78 9.72
C SER A 158 10.21 5.02 8.85
N SER A 159 10.01 5.18 7.55
CA SER A 159 11.15 5.39 6.66
C SER A 159 11.81 6.76 6.85
N LEU A 160 11.03 7.77 7.25
CA LEU A 160 11.59 9.06 7.66
C LEU A 160 12.44 8.92 8.92
N LEU A 161 11.87 8.30 9.96
CA LEU A 161 12.54 8.16 11.26
C LEU A 161 13.83 7.36 11.15
N ARG A 162 13.84 6.36 10.28
CA ARG A 162 15.03 5.52 10.14
C ARG A 162 16.21 6.27 9.52
N GLU A 163 15.94 7.03 8.47
CA GLU A 163 16.95 7.88 7.85
C GLU A 163 17.49 8.87 8.88
N ARG A 164 16.59 9.46 9.67
CA ARG A 164 16.98 10.35 10.77
C ARG A 164 17.92 9.67 11.78
N TYR A 165 17.59 8.44 12.20
CA TYR A 165 18.47 7.68 13.11
C TYR A 165 19.82 7.29 12.48
N LYS A 166 19.81 6.98 11.18
CA LYS A 166 21.06 6.73 10.47
C LYS A 166 21.94 7.98 10.44
N GLU A 167 21.33 9.14 10.24
CA GLU A 167 22.05 10.43 10.25
C GLU A 167 22.34 10.93 11.67
N LYS A 168 22.04 10.09 12.67
CA LYS A 168 22.32 10.36 14.09
C LYS A 168 21.54 11.53 14.68
N LYS A 169 20.33 11.77 14.15
CA LYS A 169 19.43 12.78 14.70
C LYS A 169 18.51 12.14 15.73
N THR A 170 17.86 12.95 16.55
CA THR A 170 16.77 12.49 17.41
C THR A 170 15.43 12.52 16.67
N CYS A 171 14.48 11.72 17.14
CA CYS A 171 13.12 11.76 16.60
C CYS A 171 12.11 12.18 17.66
N LYS A 172 12.57 12.92 18.67
CA LYS A 172 11.68 13.50 19.67
C LYS A 172 10.50 14.21 18.98
N TYR A 173 9.32 14.11 19.57
CA TYR A 173 8.05 14.68 19.05
C TYR A 173 7.42 13.94 17.86
N LEU A 174 8.02 12.82 17.43
CA LEU A 174 7.55 12.04 16.27
C LEU A 174 7.10 10.63 16.65
N LEU A 175 7.55 10.17 17.81
CA LEU A 175 7.17 8.88 18.40
C LEU A 175 7.34 9.02 19.92
N PRO A 176 6.75 8.10 20.71
CA PRO A 176 6.92 8.16 22.16
C PRO A 176 8.37 8.22 22.61
N GLU A 177 8.58 9.02 23.66
CA GLU A 177 9.88 9.23 24.28
C GLU A 177 10.58 7.91 24.61
N LYS A 178 9.84 7.01 25.24
CA LYS A 178 10.36 5.69 25.61
C LYS A 178 10.94 4.89 24.44
N VAL A 179 10.32 5.01 23.27
CA VAL A 179 10.77 4.27 22.07
C VAL A 179 12.09 4.86 21.54
N GLN A 180 12.16 6.18 21.47
CA GLN A 180 13.37 6.90 21.07
C GLN A 180 14.57 6.48 21.93
N VAL A 181 14.34 6.42 23.25
CA VAL A 181 15.38 6.01 24.21
C VAL A 181 15.87 4.60 23.89
N TYR A 182 14.93 3.68 23.69
CA TYR A 182 15.23 2.28 23.40
C TYR A 182 16.00 2.18 22.10
N ILE A 183 15.56 2.92 21.09
CA ILE A 183 16.29 2.97 19.81
C ILE A 183 17.76 3.43 19.99
N GLU A 184 17.96 4.52 20.71
CA GLU A 184 19.31 5.10 20.86
C GLU A 184 20.19 4.21 21.68
N ARG A 185 19.63 3.72 22.79
CA ARG A 185 20.35 2.86 23.71
C ARG A 185 20.78 1.54 23.06
N ASN A 186 19.95 1.02 22.17
CA ASN A 186 20.23 -0.24 21.49
C ASN A 186 20.88 -0.12 20.11
N GLY A 187 21.12 1.10 19.66
CA GLY A 187 21.84 1.31 18.39
C GLY A 187 21.08 0.81 17.17
N LEU A 188 19.75 0.95 17.22
CA LEU A 188 18.88 0.56 16.11
C LEU A 188 18.93 1.60 14.99
N TYR A 189 18.66 1.15 13.76
CA TYR A 189 18.54 2.02 12.58
C TYR A 189 19.79 2.82 12.23
N GLU A 190 20.96 2.24 12.49
CA GLU A 190 22.21 2.90 12.11
C GLU A 190 22.76 2.33 10.80
N SER A 191 21.96 1.45 10.18
CA SER A 191 22.27 0.86 8.90
C SER A 191 21.09 1.07 7.96
N MET B 3 17.33 -8.77 -22.14
CA MET B 3 18.15 -7.67 -21.53
C MET B 3 17.50 -6.29 -21.63
N ARG B 4 16.37 -6.20 -22.33
CA ARG B 4 15.59 -4.95 -22.41
C ARG B 4 15.03 -4.60 -21.04
N LYS B 5 15.26 -3.36 -20.60
CA LYS B 5 14.79 -2.88 -19.30
C LYS B 5 13.46 -2.16 -19.44
N ILE B 6 12.41 -2.81 -18.93
CA ILE B 6 11.05 -2.27 -19.05
C ILE B 6 10.42 -2.12 -17.68
N GLY B 7 9.85 -0.94 -17.43
CA GLY B 7 9.16 -0.68 -16.18
C GLY B 7 7.72 -1.12 -16.26
N ILE B 8 7.17 -1.49 -15.11
CA ILE B 8 5.75 -1.82 -15.00
C ILE B 8 5.11 -1.01 -13.89
N ILE B 9 4.03 -0.30 -14.19
CA ILE B 9 3.26 0.43 -13.16
C ILE B 9 1.81 -0.02 -13.19
N GLY B 10 1.38 -0.71 -12.12
CA GLY B 10 0.04 -1.30 -12.07
C GLY B 10 -0.90 -0.45 -11.24
N GLY B 11 -2.20 -0.64 -11.44
CA GLY B 11 -3.21 0.07 -10.68
C GLY B 11 -4.53 0.06 -11.41
N THR B 12 -5.55 0.64 -10.81
CA THR B 12 -6.84 0.72 -11.48
C THR B 12 -6.94 1.95 -12.40
N PHE B 13 -6.08 2.94 -12.17
CA PHE B 13 -6.03 4.18 -12.97
C PHE B 13 -7.43 4.80 -13.11
N ASP B 14 -7.97 5.24 -11.96
CA ASP B 14 -9.39 5.51 -11.78
C ASP B 14 -9.65 6.86 -11.09
N PRO B 15 -9.25 7.98 -11.72
CA PRO B 15 -8.62 8.13 -13.04
C PRO B 15 -7.07 8.18 -13.03
N PRO B 16 -6.44 8.02 -14.21
CA PRO B 16 -5.01 8.27 -14.35
C PRO B 16 -4.69 9.77 -14.16
N HIS B 17 -3.57 10.09 -13.51
CA HIS B 17 -3.25 11.50 -13.28
C HIS B 17 -1.75 11.77 -13.36
N TYR B 18 -1.37 13.05 -13.21
CA TYR B 18 0.03 13.46 -13.25
C TYR B 18 0.91 12.79 -12.19
N GLY B 19 0.32 12.42 -11.05
CA GLY B 19 1.01 11.60 -10.04
C GLY B 19 1.55 10.31 -10.65
N HIS B 20 0.69 9.59 -11.39
CA HIS B 20 1.09 8.33 -12.04
C HIS B 20 2.20 8.58 -13.07
N LEU B 21 1.97 9.59 -13.92
CA LEU B 21 2.92 9.94 -14.97
C LEU B 21 4.26 10.38 -14.38
N LEU B 22 4.19 11.12 -13.26
CA LEU B 22 5.41 11.58 -12.62
C LEU B 22 6.25 10.40 -12.12
N ILE B 23 5.58 9.42 -11.52
CA ILE B 23 6.24 8.22 -10.99
C ILE B 23 6.86 7.40 -12.13
N ALA B 24 6.09 7.14 -13.17
CA ALA B 24 6.57 6.41 -14.34
C ALA B 24 7.78 7.09 -15.00
N ASN B 25 7.70 8.41 -15.16
CA ASN B 25 8.77 9.22 -15.75
C ASN B 25 10.07 9.21 -14.93
N GLU B 26 9.91 9.34 -13.61
CA GLU B 26 11.04 9.40 -12.68
C GLU B 26 11.83 8.10 -12.66
N VAL B 27 11.11 6.99 -12.71
CA VAL B 27 11.70 5.66 -12.71
C VAL B 27 12.36 5.39 -14.05
N TYR B 28 11.65 5.73 -15.13
CA TYR B 28 12.20 5.64 -16.48
C TYR B 28 13.57 6.31 -16.56
N HIS B 29 13.66 7.54 -16.06
CA HIS B 29 14.90 8.32 -16.06
C HIS B 29 15.93 7.86 -15.04
N ALA B 30 15.50 7.54 -13.82
CA ALA B 30 16.45 7.09 -12.81
C ALA B 30 17.15 5.79 -13.21
N LEU B 31 16.40 4.85 -13.78
CA LEU B 31 16.93 3.52 -14.03
C LEU B 31 17.31 3.25 -15.49
N ASN B 32 17.20 4.29 -16.32
CA ASN B 32 17.48 4.19 -17.76
C ASN B 32 16.72 3.05 -18.46
N LEU B 33 15.42 3.03 -18.24
CA LEU B 33 14.54 2.07 -18.86
C LEU B 33 14.32 2.43 -20.31
N GLU B 34 14.02 1.42 -21.12
CA GLU B 34 13.60 1.58 -22.51
C GLU B 34 12.19 2.16 -22.57
N GLU B 35 11.30 1.62 -21.74
CA GLU B 35 9.93 2.15 -21.62
C GLU B 35 9.26 1.77 -20.31
N VAL B 36 8.08 2.34 -20.08
CA VAL B 36 7.25 1.94 -18.94
C VAL B 36 5.90 1.52 -19.46
N TRP B 37 5.45 0.36 -19.00
CA TRP B 37 4.15 -0.16 -19.33
C TRP B 37 3.21 0.09 -18.16
N PHE B 38 2.08 0.71 -18.50
CA PHE B 38 0.97 0.91 -17.57
C PHE B 38 0.11 -0.32 -17.64
N LEU B 39 -0.16 -0.90 -16.47
CA LEU B 39 -0.82 -2.19 -16.39
C LEU B 39 -2.15 -2.01 -15.65
N PRO B 40 -3.24 -1.72 -16.39
CA PRO B 40 -4.54 -1.57 -15.74
C PRO B 40 -5.07 -2.89 -15.15
N ASN B 41 -5.47 -2.85 -13.87
CA ASN B 41 -6.00 -4.02 -13.17
C ASN B 41 -7.48 -4.26 -13.50
N GLN B 42 -7.94 -5.50 -13.37
CA GLN B 42 -9.38 -5.77 -13.38
C GLN B 42 -9.97 -5.39 -12.03
N ILE B 43 -11.21 -4.93 -12.04
CA ILE B 43 -11.97 -4.67 -10.82
C ILE B 43 -13.16 -5.63 -10.77
N PRO B 44 -13.27 -6.44 -9.71
CA PRO B 44 -14.39 -7.35 -9.47
C PRO B 44 -15.71 -6.59 -9.46
N PRO B 45 -16.82 -7.21 -9.92
CA PRO B 45 -18.11 -6.52 -9.86
C PRO B 45 -18.43 -6.10 -8.43
N HIS B 46 -19.04 -4.92 -8.29
CA HIS B 46 -19.39 -4.34 -7.00
C HIS B 46 -20.38 -5.23 -6.25
N LYS B 47 -20.07 -5.57 -4.99
CA LYS B 47 -20.90 -6.46 -4.15
C LYS B 47 -22.36 -6.01 -4.02
N GLN B 48 -22.59 -4.70 -4.09
CA GLN B 48 -23.90 -4.12 -3.86
C GLN B 48 -24.42 -3.44 -5.12
N GLY B 49 -23.84 -3.81 -6.26
CA GLY B 49 -24.21 -3.28 -7.56
C GLY B 49 -23.96 -1.78 -7.75
N ARG B 50 -23.15 -1.19 -6.86
CA ARG B 50 -22.88 0.24 -6.95
C ARG B 50 -21.83 0.54 -8.04
N ASN B 51 -21.54 1.82 -8.27
CA ASN B 51 -20.72 2.23 -9.41
C ASN B 51 -19.26 1.74 -9.37
N ILE B 52 -18.85 1.10 -10.46
CA ILE B 52 -17.44 0.93 -10.76
C ILE B 52 -17.19 1.56 -12.13
N THR B 53 -15.99 2.10 -12.34
CA THR B 53 -15.63 2.68 -13.63
C THR B 53 -15.35 1.55 -14.61
N SER B 54 -16.11 1.52 -15.71
CA SER B 54 -15.98 0.46 -16.71
C SER B 54 -14.55 0.29 -17.23
N VAL B 55 -14.22 -0.93 -17.67
CA VAL B 55 -12.93 -1.21 -18.28
C VAL B 55 -12.74 -0.29 -19.50
N GLU B 56 -13.82 -0.11 -20.27
CA GLU B 56 -13.81 0.77 -21.45
C GLU B 56 -13.30 2.16 -21.07
N SER B 57 -13.90 2.75 -20.02
CA SER B 57 -13.52 4.11 -19.59
C SER B 57 -12.09 4.20 -19.06
N ARG B 58 -11.71 3.27 -18.19
CA ARG B 58 -10.36 3.28 -17.62
C ARG B 58 -9.32 3.13 -18.72
N LEU B 59 -9.61 2.26 -19.69
CA LEU B 59 -8.68 2.07 -20.80
C LEU B 59 -8.53 3.32 -21.69
N GLN B 60 -9.63 3.99 -22.00
CA GLN B 60 -9.53 5.20 -22.83
C GLN B 60 -8.83 6.36 -22.10
N MET B 61 -9.12 6.53 -20.81
CA MET B 61 -8.39 7.54 -20.04
C MET B 61 -6.88 7.27 -20.06
N LEU B 62 -6.50 6.00 -19.92
CA LEU B 62 -5.10 5.60 -20.01
C LEU B 62 -4.49 5.90 -21.37
N GLU B 63 -5.25 5.62 -22.42
CA GLU B 63 -4.85 5.97 -23.78
C GLU B 63 -4.58 7.47 -23.90
N LEU B 64 -5.55 8.26 -23.47
CA LEU B 64 -5.44 9.73 -23.49
C LEU B 64 -4.32 10.22 -22.61
N ALA B 65 -4.11 9.57 -21.47
CA ALA B 65 -3.04 9.95 -20.54
C ALA B 65 -1.63 9.73 -21.07
N THR B 66 -1.46 8.70 -21.89
CA THR B 66 -0.15 8.25 -22.33
C THR B 66 0.15 8.54 -23.82
N GLU B 67 -0.86 8.99 -24.57
CA GLU B 67 -0.74 9.15 -26.02
C GLU B 67 0.34 10.12 -26.51
N ALA B 68 0.70 11.09 -25.67
CA ALA B 68 1.71 12.09 -26.04
C ALA B 68 3.10 11.75 -25.51
N GLU B 69 3.21 10.62 -24.81
CA GLU B 69 4.46 10.23 -24.19
C GLU B 69 5.10 9.06 -24.93
N GLU B 70 6.26 9.31 -25.52
CA GLU B 70 6.95 8.32 -26.38
C GLU B 70 7.26 7.02 -25.64
N HIS B 71 7.66 7.14 -24.37
CA HIS B 71 8.18 5.98 -23.64
C HIS B 71 7.19 5.31 -22.68
N PHE B 72 5.91 5.67 -22.81
CA PHE B 72 4.86 5.03 -22.03
C PHE B 72 4.00 4.19 -22.98
N SER B 73 3.68 2.97 -22.55
CA SER B 73 2.76 2.09 -23.27
C SER B 73 1.74 1.48 -22.30
N ILE B 74 0.70 0.90 -22.85
CA ILE B 74 -0.30 0.19 -22.05
C ILE B 74 -0.18 -1.31 -22.27
N CYS B 75 -0.12 -2.06 -21.17
CA CYS B 75 -0.09 -3.51 -21.25
C CYS B 75 -1.44 -4.08 -20.84
N LEU B 76 -2.05 -4.85 -21.74
CA LEU B 76 -3.41 -5.37 -21.52
C LEU B 76 -3.44 -6.75 -20.84
N GLU B 77 -2.29 -7.26 -20.42
CA GLU B 77 -2.19 -8.63 -19.87
C GLU B 77 -3.25 -8.99 -18.82
N GLU B 78 -3.40 -8.13 -17.80
CA GLU B 78 -4.37 -8.39 -16.72
C GLU B 78 -5.81 -8.31 -17.20
N LEU B 79 -6.08 -7.37 -18.11
CA LEU B 79 -7.44 -7.22 -18.66
C LEU B 79 -7.86 -8.36 -19.60
N SER B 80 -6.87 -9.09 -20.12
CA SER B 80 -7.09 -10.12 -21.14
C SER B 80 -7.73 -11.46 -20.68
N ARG B 81 -7.92 -11.67 -19.38
CA ARG B 81 -8.70 -12.84 -18.91
C ARG B 81 -9.42 -12.60 -17.57
N LYS B 82 -10.08 -13.66 -17.07
CA LYS B 82 -10.54 -13.78 -15.67
C LYS B 82 -11.24 -12.57 -15.05
N GLY B 83 -11.20 -12.53 -13.71
CA GLY B 83 -11.40 -11.32 -12.93
C GLY B 83 -10.00 -10.81 -12.61
N PRO B 84 -9.73 -10.46 -11.33
CA PRO B 84 -8.39 -9.98 -10.98
C PRO B 84 -7.35 -11.10 -10.96
N SER B 85 -6.08 -10.72 -11.20
CA SER B 85 -4.97 -11.66 -11.20
C SER B 85 -4.00 -11.27 -10.10
N TYR B 86 -3.33 -12.26 -9.50
CA TYR B 86 -2.16 -11.97 -8.67
C TYR B 86 -1.06 -11.46 -9.57
N THR B 87 -0.22 -10.60 -9.02
CA THR B 87 0.93 -10.07 -9.74
C THR B 87 1.82 -11.21 -10.25
N TYR B 88 1.98 -12.25 -9.44
CA TYR B 88 2.70 -13.46 -9.88
C TYR B 88 2.19 -14.01 -11.22
N ASP B 89 0.87 -14.20 -11.34
CA ASP B 89 0.25 -14.76 -12.54
C ASP B 89 0.52 -13.90 -13.76
N THR B 90 0.39 -12.58 -13.58
CA THR B 90 0.61 -11.62 -14.64
C THR B 90 2.05 -11.62 -15.09
N MET B 91 2.97 -11.61 -14.14
CA MET B 91 4.39 -11.55 -14.46
C MET B 91 4.91 -12.88 -15.02
N LEU B 92 4.32 -14.00 -14.59
CA LEU B 92 4.60 -15.28 -15.24
C LEU B 92 4.30 -15.19 -16.74
N GLN B 93 3.12 -14.70 -17.09
CA GLN B 93 2.75 -14.61 -18.51
C GLN B 93 3.60 -13.63 -19.30
N LEU B 94 3.92 -12.48 -18.71
CA LEU B 94 4.76 -11.48 -19.39
C LEU B 94 6.21 -11.93 -19.59
N THR B 95 6.78 -12.61 -18.59
CA THR B 95 8.12 -13.17 -18.76
C THR B 95 8.19 -14.30 -19.80
N LYS B 96 7.15 -15.13 -19.89
CA LYS B 96 7.08 -16.16 -20.91
C LYS B 96 6.88 -15.53 -22.29
N LYS B 97 6.15 -14.42 -22.31
CA LYS B 97 5.75 -13.73 -23.52
C LYS B 97 6.87 -12.84 -24.07
N TYR B 98 7.73 -12.36 -23.17
CA TYR B 98 8.84 -11.46 -23.50
C TYR B 98 10.11 -11.93 -22.80
N PRO B 99 10.65 -13.10 -23.22
CA PRO B 99 11.78 -13.71 -22.50
C PRO B 99 13.02 -12.84 -22.51
N ASP B 100 13.00 -11.79 -23.33
CA ASP B 100 14.15 -10.92 -23.47
C ASP B 100 14.06 -9.65 -22.60
N VAL B 101 13.02 -9.57 -21.76
CA VAL B 101 12.79 -8.37 -20.97
C VAL B 101 13.08 -8.55 -19.48
N GLN B 102 13.84 -7.61 -18.93
CA GLN B 102 13.95 -7.48 -17.49
C GLN B 102 12.90 -6.51 -16.96
N PHE B 103 11.91 -7.05 -16.27
CA PHE B 103 10.79 -6.25 -15.77
C PHE B 103 11.15 -5.61 -14.44
N HIS B 104 10.81 -4.32 -14.35
CA HIS B 104 11.01 -3.52 -13.15
C HIS B 104 9.65 -3.08 -12.61
N PHE B 105 9.24 -3.69 -11.50
CA PHE B 105 7.88 -3.58 -11.00
C PHE B 105 7.84 -2.49 -9.96
N ILE B 106 7.16 -1.40 -10.28
CA ILE B 106 7.18 -0.19 -9.48
C ILE B 106 6.10 -0.22 -8.40
N ILE B 107 6.51 0.02 -7.15
CA ILE B 107 5.55 0.04 -6.04
C ILE B 107 5.81 1.26 -5.15
N GLY B 108 4.75 1.74 -4.48
CA GLY B 108 4.88 2.80 -3.51
C GLY B 108 5.70 2.36 -2.31
N GLY B 109 6.46 3.31 -1.75
CA GLY B 109 7.27 3.06 -0.55
C GLY B 109 6.54 2.39 0.59
N ASP B 110 5.30 2.83 0.84
CA ASP B 110 4.44 2.29 1.91
C ASP B 110 4.13 0.80 1.74
N MET B 111 4.23 0.31 0.52
CA MET B 111 3.89 -1.08 0.23
C MET B 111 5.06 -2.04 0.47
N VAL B 112 6.26 -1.48 0.53
CA VAL B 112 7.48 -2.28 0.65
C VAL B 112 7.49 -3.20 1.87
N GLU B 113 7.09 -2.70 3.04
CA GLU B 113 7.09 -3.52 4.26
C GLU B 113 6.16 -4.74 4.20
N TYR B 114 5.16 -4.68 3.32
CA TYR B 114 4.16 -5.74 3.15
C TYR B 114 4.49 -6.74 2.04
N LEU B 115 5.62 -6.55 1.35
CA LEU B 115 6.04 -7.49 0.29
C LEU B 115 6.02 -8.98 0.72
N PRO B 116 6.44 -9.32 1.96
CA PRO B 116 6.41 -10.73 2.37
C PRO B 116 5.03 -11.41 2.39
N LYS B 117 3.98 -10.60 2.34
CA LYS B 117 2.58 -11.03 2.28
C LYS B 117 2.04 -11.16 0.85
N TRP B 118 2.80 -10.73 -0.15
CA TRP B 118 2.32 -10.83 -1.53
C TRP B 118 2.26 -12.29 -1.95
N TYR B 119 1.23 -12.65 -2.69
CA TYR B 119 1.05 -14.04 -3.12
C TYR B 119 2.27 -14.56 -3.90
N ASN B 120 2.87 -15.62 -3.38
CA ASN B 120 3.94 -16.34 -4.06
C ASN B 120 5.17 -15.45 -4.26
N ILE B 121 5.48 -14.65 -3.23
CA ILE B 121 6.51 -13.61 -3.32
C ILE B 121 7.90 -14.10 -3.76
N GLU B 122 8.36 -15.21 -3.18
CA GLU B 122 9.66 -15.79 -3.53
C GLU B 122 9.79 -16.09 -5.03
N ALA B 123 8.75 -16.70 -5.61
CA ALA B 123 8.74 -16.95 -7.06
C ALA B 123 8.61 -15.68 -7.91
N LEU B 124 7.91 -14.67 -7.38
CA LEU B 124 7.79 -13.38 -8.05
C LEU B 124 9.12 -12.64 -8.06
N LEU B 125 9.88 -12.74 -6.96
CA LEU B 125 11.24 -12.18 -6.93
C LEU B 125 12.18 -12.70 -8.04
N ASP B 126 11.92 -13.91 -8.54
CA ASP B 126 12.66 -14.45 -9.68
C ASP B 126 12.15 -13.94 -11.03
N LEU B 127 10.99 -13.26 -11.04
CA LEU B 127 10.38 -12.78 -12.29
C LEU B 127 10.57 -11.27 -12.51
N VAL B 128 10.67 -10.52 -11.42
CA VAL B 128 10.79 -9.07 -11.49
C VAL B 128 11.87 -8.55 -10.57
N THR B 129 12.30 -7.33 -10.86
CA THR B 129 13.04 -6.51 -9.94
C THR B 129 12.02 -5.51 -9.41
N PHE B 130 11.89 -5.41 -8.09
CA PHE B 130 11.00 -4.42 -7.48
C PHE B 130 11.66 -3.04 -7.41
N VAL B 131 10.88 -2.01 -7.73
CA VAL B 131 11.35 -0.65 -7.58
C VAL B 131 10.48 0.06 -6.54
N GLY B 132 11.04 0.33 -5.38
CA GLY B 132 10.31 1.05 -4.34
C GLY B 132 10.48 2.55 -4.54
N VAL B 133 9.39 3.30 -4.55
CA VAL B 133 9.50 4.76 -4.68
C VAL B 133 9.34 5.44 -3.31
N ALA B 134 10.17 6.45 -3.04
CA ALA B 134 10.13 7.15 -1.75
C ALA B 134 10.43 8.64 -1.89
N ARG B 135 9.78 9.45 -1.04
CA ARG B 135 10.03 10.90 -0.95
C ARG B 135 11.47 11.17 -0.54
N PRO B 136 12.02 12.35 -0.90
CA PRO B 136 13.30 12.77 -0.36
C PRO B 136 13.26 12.72 1.17
N GLY B 137 14.32 12.19 1.78
CA GLY B 137 14.36 12.05 3.24
C GLY B 137 13.87 10.73 3.79
N TYR B 138 13.32 9.88 2.93
CA TYR B 138 12.74 8.60 3.33
C TYR B 138 13.60 7.42 2.88
N LYS B 139 13.90 6.52 3.80
CA LYS B 139 14.71 5.34 3.47
C LYS B 139 13.92 4.06 3.64
N LEU B 140 13.87 3.26 2.59
CA LEU B 140 13.11 1.99 2.58
C LEU B 140 13.90 0.81 3.16
N ARG B 141 13.19 -0.10 3.83
CA ARG B 141 13.80 -1.23 4.51
C ARG B 141 13.07 -2.53 4.21
N THR B 142 13.82 -3.53 3.76
CA THR B 142 13.26 -4.84 3.33
C THR B 142 14.41 -5.84 3.24
N PRO B 143 14.14 -7.11 3.60
CA PRO B 143 15.11 -8.20 3.38
C PRO B 143 15.37 -8.51 1.90
N TYR B 144 14.48 -8.04 1.04
CA TYR B 144 14.51 -8.31 -0.41
C TYR B 144 15.36 -7.32 -1.22
N PRO B 145 16.01 -7.78 -2.31
CA PRO B 145 16.87 -6.90 -3.12
C PRO B 145 16.06 -5.98 -4.05
N ILE B 146 15.56 -4.87 -3.50
CA ILE B 146 14.80 -3.92 -4.32
C ILE B 146 15.65 -2.71 -4.72
N THR B 147 15.28 -2.03 -5.81
CA THR B 147 15.87 -0.74 -6.14
C THR B 147 14.99 0.39 -5.59
N THR B 148 15.61 1.43 -5.04
CA THR B 148 14.87 2.57 -4.51
C THR B 148 14.98 3.73 -5.51
N VAL B 149 13.87 4.41 -5.78
CA VAL B 149 13.89 5.65 -6.56
C VAL B 149 13.21 6.77 -5.78
N GLU B 150 13.94 7.88 -5.64
CA GLU B 150 13.44 9.08 -4.98
C GLU B 150 12.56 9.92 -5.90
N ILE B 151 11.37 10.25 -5.44
CA ILE B 151 10.39 10.91 -6.28
C ILE B 151 9.83 12.19 -5.64
N PRO B 152 9.69 13.26 -6.45
CA PRO B 152 9.18 14.56 -5.98
C PRO B 152 7.77 14.46 -5.41
N GLU B 153 7.41 15.46 -4.61
CA GLU B 153 6.08 15.49 -4.00
C GLU B 153 5.10 16.28 -4.85
N PHE B 154 4.02 15.61 -5.22
CA PHE B 154 2.87 16.24 -5.87
C PHE B 154 1.64 15.51 -5.35
N ALA B 155 0.95 16.12 -4.37
CA ALA B 155 -0.07 15.43 -3.58
C ALA B 155 -1.39 15.22 -4.33
N VAL B 156 -1.29 14.67 -5.54
CA VAL B 156 -2.46 14.38 -6.34
C VAL B 156 -2.77 12.88 -6.22
N SER B 157 -4.04 12.57 -6.00
CA SER B 157 -4.50 11.19 -5.94
C SER B 157 -5.79 11.05 -6.73
N SER B 158 -6.10 9.82 -7.13
CA SER B 158 -7.34 9.53 -7.82
C SER B 158 -8.55 9.89 -6.95
N SER B 159 -8.51 9.57 -5.66
CA SER B 159 -9.65 9.87 -4.77
C SER B 159 -9.90 11.39 -4.65
N LEU B 160 -8.81 12.16 -4.65
CA LEU B 160 -8.94 13.62 -4.69
C LEU B 160 -9.71 14.06 -5.94
N LEU B 161 -9.27 13.61 -7.12
CA LEU B 161 -9.88 14.01 -8.39
C LEU B 161 -11.33 13.57 -8.51
N ARG B 162 -11.61 12.33 -8.12
CA ARG B 162 -12.99 11.81 -8.12
C ARG B 162 -13.96 12.72 -7.34
N GLU B 163 -13.51 13.19 -6.17
CA GLU B 163 -14.32 14.07 -5.32
C GLU B 163 -14.55 15.43 -5.95
N ARG B 164 -13.49 16.00 -6.53
CA ARG B 164 -13.61 17.25 -7.28
C ARG B 164 -14.64 17.15 -8.41
N TYR B 165 -14.58 16.07 -9.20
CA TYR B 165 -15.58 15.89 -10.27
C TYR B 165 -17.03 15.71 -9.76
N LYS B 166 -17.17 14.99 -8.66
CA LYS B 166 -18.45 14.86 -7.96
C LYS B 166 -19.05 16.22 -7.60
N GLU B 167 -18.19 17.13 -7.15
CA GLU B 167 -18.59 18.48 -6.75
C GLU B 167 -18.56 19.46 -7.91
N LYS B 168 -18.46 18.92 -9.13
CA LYS B 168 -18.43 19.72 -10.35
C LYS B 168 -17.34 20.81 -10.30
N LYS B 169 -16.19 20.45 -9.74
CA LYS B 169 -14.98 21.27 -9.82
C LYS B 169 -14.08 20.79 -10.97
N THR B 170 -13.26 21.71 -11.49
CA THR B 170 -12.28 21.36 -12.52
C THR B 170 -11.03 20.74 -11.89
N CYS B 171 -10.33 19.93 -12.67
CA CYS B 171 -9.07 19.37 -12.22
C CYS B 171 -7.95 19.76 -13.16
N LYS B 172 -8.06 20.96 -13.73
CA LYS B 172 -7.00 21.54 -14.55
C LYS B 172 -5.71 21.49 -13.76
N TYR B 173 -4.60 21.15 -14.45
CA TYR B 173 -3.24 21.07 -13.89
C TYR B 173 -2.95 19.79 -13.05
N LEU B 174 -3.92 18.88 -12.95
CA LEU B 174 -3.74 17.68 -12.12
C LEU B 174 -3.62 16.38 -12.91
N LEU B 175 -4.04 16.41 -14.17
CA LEU B 175 -4.00 15.27 -15.08
C LEU B 175 -4.08 15.83 -16.50
N PRO B 176 -3.72 15.03 -17.53
CA PRO B 176 -3.75 15.51 -18.92
C PRO B 176 -5.12 16.06 -19.35
N GLU B 177 -5.07 17.17 -20.08
CA GLU B 177 -6.26 17.87 -20.57
C GLU B 177 -7.27 16.92 -21.24
N LYS B 178 -6.77 16.01 -22.07
CA LYS B 178 -7.61 15.07 -22.82
C LYS B 178 -8.39 14.09 -21.93
N VAL B 179 -7.76 13.67 -20.83
CA VAL B 179 -8.45 12.84 -19.82
C VAL B 179 -9.62 13.61 -19.17
N GLN B 180 -9.36 14.87 -18.78
CA GLN B 180 -10.39 15.75 -18.22
C GLN B 180 -11.61 15.87 -19.14
N VAL B 181 -11.36 16.09 -20.42
CA VAL B 181 -12.44 16.21 -21.41
C VAL B 181 -13.26 14.92 -21.44
N TYR B 182 -12.57 13.78 -21.44
CA TYR B 182 -13.25 12.49 -21.45
C TYR B 182 -14.13 12.31 -20.22
N ILE B 183 -13.59 12.67 -19.05
CA ILE B 183 -14.33 12.54 -17.79
C ILE B 183 -15.60 13.41 -17.80
N GLU B 184 -15.44 14.64 -18.26
CA GLU B 184 -16.57 15.56 -18.35
C GLU B 184 -17.62 15.10 -19.35
N ARG B 185 -17.19 14.63 -20.51
CA ARG B 185 -18.13 14.21 -21.56
C ARG B 185 -18.91 12.95 -21.22
N ASN B 186 -18.27 12.03 -20.52
CA ASN B 186 -18.90 10.77 -20.17
C ASN B 186 -19.59 10.80 -18.80
N GLY B 187 -19.63 11.97 -18.17
CA GLY B 187 -20.23 12.13 -16.85
C GLY B 187 -19.65 11.21 -15.78
N LEU B 188 -18.35 10.94 -15.87
CA LEU B 188 -17.70 10.11 -14.88
C LEU B 188 -17.51 10.80 -13.51
N TYR B 189 -17.57 9.99 -12.46
CA TYR B 189 -17.27 10.40 -11.07
C TYR B 189 -18.18 11.51 -10.53
N GLU B 190 -19.45 11.51 -10.93
CA GLU B 190 -20.33 12.55 -10.42
C GLU B 190 -21.56 11.98 -9.71
N SER B 191 -21.29 11.09 -8.76
CA SER B 191 -22.29 10.35 -8.01
C SER B 191 -22.97 9.31 -8.91
#